data_3MMR
#
_entry.id   3MMR
#
_cell.length_a   112.594
_cell.length_b   112.594
_cell.length_c   228.900
_cell.angle_alpha   90.00
_cell.angle_beta   90.00
_cell.angle_gamma   120.00
#
_symmetry.space_group_name_H-M   'H 3 2'
#
loop_
_entity.id
_entity.type
_entity.pdbx_description
1 polymer Arginase
2 non-polymer 'MANGANESE (II) ION'
3 non-polymer '2(S)-AMINO-6-BORONOHEXANOIC ACID'
4 non-polymer BETA-MERCAPTOETHANOL
5 water water
#
_entity_poly.entity_id   1
_entity_poly.type   'polypeptide(L)'
_entity_poly.pdbx_seq_one_letter_code
;MGSSHHHHHHSSGLVPRGSHMASKNVSIIGSPLAAGQPLGGVQLACDDLRKLGLHNVIDVLGWKYEDIGNIDNGDNEMKQ
EKKTNNYINNNDNNNDNNNDNNNDNNNNCYIPNGVIKEKKHDLSNNKMNGYVNHNFYGNYEENNVISTNDKYKNNCYYDN
IRNIKEIGIFSKNLFDTMSNELRKKNFVLNIGGDHGVAFSSILSSLQMYQNLRVIWIDAHGDINIPETSPSGNYHGMTLA
HTLGLFKKKVPYFEWSENLTYLKPENTAIIGIRDIDAYEKIILKKCNINYYTIFDIEKNGIYNTICTALEKIDPNSNCPI
HISLDIDSVDNVFAPGTGTVAKGGLNYREINLLMKILAETKRVVSMDLVEYNPSLDEVDKKVHGDSLPILDNATKTGKLC
LELIARVLGYDIV
;
_entity_poly.pdbx_strand_id   A
#
loop_
_chem_comp.id
_chem_comp.type
_chem_comp.name
_chem_comp.formula
ABH non-polymer '2(S)-AMINO-6-BORONOHEXANOIC ACID' 'C6 H15 B N O5 -1'
BME non-polymer BETA-MERCAPTOETHANOL 'C2 H6 O S'
MN non-polymer 'MANGANESE (II) ION' 'Mn 2'
#
# COMPACT_ATOMS: atom_id res chain seq x y z
N LYS A 24 -15.84 13.71 -4.27
CA LYS A 24 -14.84 13.41 -5.30
C LYS A 24 -13.64 14.35 -5.24
N ASN A 25 -13.03 14.45 -4.06
CA ASN A 25 -11.79 15.21 -3.88
C ASN A 25 -10.70 14.28 -3.37
N VAL A 26 -9.57 14.27 -4.05
CA VAL A 26 -8.45 13.46 -3.59
C VAL A 26 -7.25 14.32 -3.23
N SER A 27 -6.68 14.06 -2.05
CA SER A 27 -5.41 14.67 -1.66
C SER A 27 -4.31 13.69 -2.08
N ILE A 28 -3.31 14.22 -2.77
CA ILE A 28 -2.16 13.44 -3.19
C ILE A 28 -0.97 13.76 -2.30
N ILE A 29 -0.43 12.74 -1.66
CA ILE A 29 0.73 12.90 -0.80
C ILE A 29 1.85 12.02 -1.32
N GLY A 30 2.97 12.63 -1.71
CA GLY A 30 4.16 11.89 -2.10
C GLY A 30 4.96 11.55 -0.85
N SER A 31 5.24 10.26 -0.65
CA SER A 31 6.02 9.81 0.49
C SER A 31 7.27 9.03 0.05
N PRO A 32 8.29 9.76 -0.42
CA PRO A 32 9.49 9.16 -1.05
C PRO A 32 10.45 8.50 -0.08
N LEU A 33 9.96 7.85 0.96
CA LEU A 33 10.83 7.16 1.91
C LEU A 33 11.44 5.92 1.26
N ALA A 34 12.76 5.75 1.35
CA ALA A 34 13.39 4.56 0.79
C ALA A 34 14.23 3.80 1.83
N ALA A 35 14.07 4.15 3.10
CA ALA A 35 14.93 3.64 4.17
C ALA A 35 14.48 2.32 4.79
N GLY A 36 13.24 1.92 4.52
CA GLY A 36 12.74 0.65 5.00
C GLY A 36 13.37 -0.53 4.30
N GLN A 37 14.13 -0.27 3.22
CA GLN A 37 14.82 -1.37 2.56
C GLN A 37 16.11 -0.89 1.93
N PRO A 38 16.93 -1.83 1.42
CA PRO A 38 18.27 -1.43 0.99
C PRO A 38 18.24 -0.40 -0.13
N LEU A 39 17.34 -0.59 -1.09
CA LEU A 39 17.50 0.09 -2.37
C LEU A 39 16.90 1.48 -2.43
N GLY A 40 17.50 2.25 -3.34
CA GLY A 40 16.91 3.46 -3.86
C GLY A 40 16.26 3.14 -5.20
N GLY A 41 15.36 4.03 -5.55
CA GLY A 41 14.56 3.89 -6.74
C GLY A 41 13.17 4.32 -6.32
N VAL A 42 12.68 3.72 -5.23
CA VAL A 42 11.29 3.99 -4.83
C VAL A 42 11.10 5.45 -4.45
N GLN A 43 12.18 6.11 -4.03
CA GLN A 43 12.10 7.54 -3.71
C GLN A 43 11.69 8.34 -4.93
N LEU A 44 11.87 7.75 -6.11
CA LEU A 44 11.57 8.44 -7.38
C LEU A 44 10.16 8.18 -7.85
N ALA A 45 9.46 7.25 -7.19
CA ALA A 45 8.14 6.82 -7.63
C ALA A 45 7.10 7.95 -7.74
N CYS A 46 6.99 8.77 -6.70
CA CYS A 46 5.96 9.81 -6.64
CA CYS A 46 5.92 9.76 -6.69
C CYS A 46 6.03 10.79 -7.82
N ASP A 47 7.24 11.31 -8.06
CA ASP A 47 7.40 12.27 -9.16
C ASP A 47 7.27 11.60 -10.52
N ASP A 48 7.67 10.33 -10.61
CA ASP A 48 7.53 9.62 -11.88
C ASP A 48 6.07 9.49 -12.24
N LEU A 49 5.23 9.14 -11.25
CA LEU A 49 3.81 8.96 -11.52
C LEU A 49 3.15 10.29 -11.91
N ARG A 50 3.60 11.38 -11.30
CA ARG A 50 3.16 12.70 -11.72
C ARG A 50 3.57 12.98 -13.17
N LYS A 51 4.84 12.74 -13.49
CA LYS A 51 5.32 12.89 -14.86
C LYS A 51 4.49 12.07 -15.85
N LEU A 52 4.11 10.87 -15.45
CA LEU A 52 3.39 9.96 -16.34
C LEU A 52 1.93 10.37 -16.58
N GLY A 53 1.40 11.25 -15.75
CA GLY A 53 0.08 11.79 -15.99
C GLY A 53 -0.93 11.65 -14.86
N LEU A 54 -0.44 11.51 -13.63
CA LEU A 54 -1.33 11.36 -12.46
C LEU A 54 -2.45 12.40 -12.43
N HIS A 55 -2.10 13.68 -12.58
CA HIS A 55 -3.10 14.74 -12.54
C HIS A 55 -4.11 14.64 -13.69
N ASN A 56 -3.60 14.41 -14.89
CA ASN A 56 -4.48 14.23 -16.04
C ASN A 56 -5.46 13.07 -15.85
N VAL A 57 -4.99 11.98 -15.26
CA VAL A 57 -5.84 10.81 -15.03
C VAL A 57 -6.96 11.13 -14.03
N ILE A 58 -6.60 11.77 -12.92
CA ILE A 58 -7.58 12.18 -11.93
C ILE A 58 -8.60 13.14 -12.56
N ASP A 59 -8.13 14.11 -13.33
CA ASP A 59 -8.99 15.07 -14.01
CA ASP A 59 -9.01 15.06 -13.99
C ASP A 59 -10.03 14.38 -14.89
N VAL A 60 -9.57 13.49 -15.76
CA VAL A 60 -10.47 12.87 -16.73
C VAL A 60 -11.55 12.00 -16.07
N LEU A 61 -11.27 11.53 -14.86
CA LEU A 61 -12.24 10.71 -14.13
C LEU A 61 -13.24 11.57 -13.37
N GLY A 62 -13.09 12.89 -13.50
CA GLY A 62 -14.04 13.80 -12.90
C GLY A 62 -13.85 14.00 -11.42
N TRP A 63 -12.63 13.74 -10.95
CA TRP A 63 -12.28 14.07 -9.57
C TRP A 63 -11.50 15.38 -9.55
N LYS A 64 -11.51 16.04 -8.40
CA LYS A 64 -10.64 17.19 -8.17
C LYS A 64 -9.53 16.76 -7.23
N TYR A 65 -8.33 17.31 -7.39
CA TYR A 65 -7.24 16.91 -6.53
C TYR A 65 -6.58 18.09 -5.86
N GLU A 66 -5.98 17.83 -4.70
CA GLU A 66 -5.07 18.78 -4.08
C GLU A 66 -3.76 18.03 -3.91
N ASP A 67 -2.74 18.44 -4.65
CA ASP A 67 -1.44 17.79 -4.56
C ASP A 67 -0.61 18.49 -3.51
N ILE A 68 -0.38 17.78 -2.42
CA ILE A 68 0.27 18.32 -1.24
C ILE A 68 1.80 18.36 -1.42
N GLY A 69 2.30 17.73 -2.49
CA GLY A 69 3.73 17.62 -2.73
C GLY A 69 4.30 16.36 -2.08
N ASN A 70 5.57 16.43 -1.68
CA ASN A 70 6.25 15.30 -1.09
C ASN A 70 6.64 15.55 0.37
N ILE A 71 6.48 14.54 1.23
CA ILE A 71 6.99 14.64 2.57
C ILE A 71 8.52 14.83 2.49
N ASP A 72 9.06 15.78 3.23
CA ASP A 72 10.50 16.02 3.12
C ASP A 72 11.30 15.21 4.14
N ASN A 73 12.61 15.09 3.88
CA ASN A 73 13.53 14.40 4.77
C ASN A 73 14.95 14.33 4.19
N CYS A 156 15.06 -1.88 26.58
CA CYS A 156 13.72 -1.32 26.37
C CYS A 156 13.47 -0.94 24.91
N TYR A 157 14.55 -0.70 24.17
CA TYR A 157 14.45 -0.31 22.76
C TYR A 157 15.06 -1.37 21.86
N TYR A 158 14.44 -1.59 20.70
CA TYR A 158 15.05 -2.37 19.62
C TYR A 158 16.30 -1.67 19.11
N ASP A 159 17.35 -2.42 18.84
CA ASP A 159 18.56 -1.85 18.27
CA ASP A 159 18.58 -1.87 18.29
C ASP A 159 18.91 -2.50 16.94
N ASN A 160 18.02 -3.36 16.44
CA ASN A 160 18.28 -4.13 15.23
C ASN A 160 17.42 -3.78 14.02
N ILE A 161 16.94 -2.55 13.94
CA ILE A 161 16.17 -2.11 12.80
C ILE A 161 16.99 -1.12 11.98
N ARG A 162 17.29 -1.48 10.73
CA ARG A 162 18.09 -0.61 9.86
C ARG A 162 17.41 0.71 9.54
N ASN A 163 18.21 1.78 9.54
CA ASN A 163 17.79 3.12 9.14
C ASN A 163 16.61 3.67 9.94
N ILE A 164 16.43 3.16 11.16
CA ILE A 164 15.23 3.47 11.94
C ILE A 164 15.08 4.96 12.27
N LYS A 165 16.20 5.68 12.38
CA LYS A 165 16.09 7.10 12.71
C LYS A 165 15.40 7.85 11.58
N GLU A 166 15.90 7.68 10.37
CA GLU A 166 15.29 8.32 9.21
C GLU A 166 13.83 7.90 9.07
N ILE A 167 13.54 6.63 9.32
CA ILE A 167 12.18 6.13 9.15
C ILE A 167 11.22 6.75 10.18
N GLY A 168 11.64 6.78 11.44
CA GLY A 168 10.82 7.34 12.50
C GLY A 168 10.53 8.81 12.31
N ILE A 169 11.56 9.57 11.93
CA ILE A 169 11.41 11.00 11.72
C ILE A 169 10.53 11.31 10.51
N PHE A 170 10.72 10.56 9.44
CA PHE A 170 9.87 10.70 8.26
C PHE A 170 8.41 10.36 8.60
N SER A 171 8.22 9.30 9.37
CA SER A 171 6.87 8.83 9.70
C SER A 171 6.10 9.84 10.54
N LYS A 172 6.77 10.54 11.44
CA LYS A 172 6.10 11.59 12.22
C LYS A 172 5.58 12.65 11.26
N ASN A 173 6.42 13.09 10.34
CA ASN A 173 6.03 14.08 9.34
CA ASN A 173 6.01 14.09 9.35
C ASN A 173 4.84 13.62 8.49
N LEU A 174 4.90 12.37 8.02
CA LEU A 174 3.79 11.85 7.23
C LEU A 174 2.53 11.74 8.09
N PHE A 175 2.70 11.30 9.33
CA PHE A 175 1.52 11.16 10.19
C PHE A 175 0.80 12.49 10.31
N ASP A 176 1.56 13.53 10.65
CA ASP A 176 1.01 14.88 10.80
C ASP A 176 0.39 15.42 9.51
N THR A 177 1.10 15.26 8.40
CA THR A 177 0.60 15.77 7.12
C THR A 177 -0.67 15.05 6.67
N MET A 178 -0.69 13.74 6.83
CA MET A 178 -1.84 12.97 6.36
C MET A 178 -3.05 13.19 7.29
N SER A 179 -2.80 13.36 8.57
CA SER A 179 -3.89 13.61 9.51
C SER A 179 -4.67 14.81 9.03
N ASN A 180 -3.94 15.86 8.65
CA ASN A 180 -4.54 17.09 8.18
C ASN A 180 -5.37 16.95 6.90
N GLU A 181 -4.93 16.11 5.97
CA GLU A 181 -5.67 15.86 4.74
C GLU A 181 -6.92 15.03 4.99
N LEU A 182 -6.81 14.06 5.89
CA LEU A 182 -7.92 13.19 6.23
C LEU A 182 -9.06 14.02 6.80
N ARG A 183 -8.72 15.03 7.58
CA ARG A 183 -9.74 15.88 8.21
C ARG A 183 -10.58 16.66 7.20
N LYS A 184 -10.08 16.83 5.98
CA LYS A 184 -10.86 17.49 4.95
C LYS A 184 -11.94 16.56 4.40
N LYS A 185 -11.89 15.30 4.83
CA LYS A 185 -12.79 14.28 4.30
C LYS A 185 -12.58 14.03 2.80
N ASN A 186 -11.37 14.33 2.34
CA ASN A 186 -10.91 13.94 1.01
C ASN A 186 -10.56 12.46 1.00
N PHE A 187 -10.63 11.82 -0.16
CA PHE A 187 -9.96 10.55 -0.33
C PHE A 187 -8.46 10.87 -0.33
N VAL A 188 -7.68 10.15 0.48
CA VAL A 188 -6.25 10.45 0.56
C VAL A 188 -5.39 9.37 -0.11
N LEU A 189 -4.63 9.78 -1.13
CA LEU A 189 -3.77 8.86 -1.86
C LEU A 189 -2.31 9.09 -1.49
N ASN A 190 -1.75 8.11 -0.79
CA ASN A 190 -0.39 8.15 -0.33
C ASN A 190 0.51 7.31 -1.25
N ILE A 191 1.37 7.98 -2.00
CA ILE A 191 2.23 7.31 -2.97
C ILE A 191 3.67 7.16 -2.44
N GLY A 192 4.09 5.92 -2.14
CA GLY A 192 5.44 5.66 -1.67
C GLY A 192 6.46 5.72 -2.79
N GLY A 193 7.74 5.50 -2.50
CA GLY A 193 8.21 5.09 -1.19
C GLY A 193 8.09 3.59 -1.01
N ASP A 194 8.91 3.02 -0.13
CA ASP A 194 8.72 1.61 0.21
C ASP A 194 7.55 1.46 1.20
N HIS A 195 7.26 0.22 1.60
CA HIS A 195 6.03 -0.04 2.35
C HIS A 195 6.06 0.52 3.76
N GLY A 196 7.24 0.97 4.20
CA GLY A 196 7.37 1.59 5.50
C GLY A 196 6.39 2.74 5.70
N VAL A 197 6.01 3.42 4.61
CA VAL A 197 5.10 4.56 4.73
C VAL A 197 3.68 4.19 5.15
N ALA A 198 3.35 2.90 5.20
CA ALA A 198 1.98 2.52 5.53
C ALA A 198 1.70 2.62 7.03
N PHE A 199 2.74 2.59 7.85
CA PHE A 199 2.55 2.72 9.30
C PHE A 199 1.83 4.01 9.64
N SER A 200 2.40 5.15 9.23
CA SER A 200 1.78 6.45 9.51
C SER A 200 0.48 6.65 8.72
N SER A 201 0.44 6.10 7.52
CA SER A 201 -0.73 6.23 6.68
C SER A 201 -1.93 5.58 7.34
N ILE A 202 -1.77 4.32 7.72
CA ILE A 202 -2.86 3.55 8.30
C ILE A 202 -3.24 4.08 9.69
N LEU A 203 -2.26 4.42 10.51
CA LEU A 203 -2.56 4.86 11.87
C LEU A 203 -3.22 6.24 11.88
N SER A 204 -2.81 7.15 11.00
CA SER A 204 -3.49 8.44 10.91
C SER A 204 -4.95 8.23 10.44
N SER A 205 -5.13 7.40 9.43
CA SER A 205 -6.49 7.10 8.95
C SER A 205 -7.33 6.43 10.05
N LEU A 206 -6.71 5.54 10.81
CA LEU A 206 -7.35 4.82 11.90
C LEU A 206 -7.78 5.73 13.06
N GLN A 207 -6.98 6.74 13.38
CA GLN A 207 -7.35 7.64 14.47
C GLN A 207 -8.62 8.40 14.10
N MET A 208 -8.77 8.70 12.81
CA MET A 208 -9.98 9.36 12.34
C MET A 208 -11.14 8.41 12.09
N TYR A 209 -10.83 7.24 11.51
CA TYR A 209 -11.84 6.22 11.19
C TYR A 209 -11.60 5.01 12.06
N GLN A 210 -12.19 4.99 13.25
CA GLN A 210 -11.86 3.98 14.25
C GLN A 210 -12.30 2.60 13.83
N ASN A 211 -13.34 2.55 13.00
CA ASN A 211 -13.78 1.27 12.41
C ASN A 211 -13.14 1.00 11.04
N LEU A 212 -11.98 1.59 10.79
CA LEU A 212 -11.27 1.34 9.54
C LEU A 212 -11.02 -0.16 9.28
N ARG A 213 -11.25 -0.61 8.05
CA ARG A 213 -10.81 -1.96 7.66
C ARG A 213 -9.70 -1.85 6.62
N VAL A 214 -8.64 -2.63 6.81
CA VAL A 214 -7.45 -2.55 5.96
C VAL A 214 -7.28 -3.79 5.06
N ILE A 215 -7.14 -3.53 3.76
CA ILE A 215 -6.86 -4.56 2.78
C ILE A 215 -5.41 -4.36 2.36
N TRP A 216 -4.55 -5.29 2.76
CA TRP A 216 -3.12 -5.21 2.52
C TRP A 216 -2.83 -6.16 1.35
N ILE A 217 -2.46 -5.59 0.22
CA ILE A 217 -2.29 -6.37 -1.01
C ILE A 217 -0.79 -6.48 -1.29
N ASP A 218 -0.26 -7.70 -1.23
CA ASP A 218 1.19 -7.85 -1.18
C ASP A 218 1.59 -9.31 -1.45
N ALA A 219 2.76 -9.53 -2.02
CA ALA A 219 3.30 -10.89 -2.16
C ALA A 219 3.82 -11.36 -0.81
N HIS A 220 4.09 -10.40 0.07
CA HIS A 220 4.73 -10.64 1.36
C HIS A 220 3.84 -10.28 2.55
N GLY A 221 4.22 -10.75 3.73
CA GLY A 221 3.40 -10.53 4.91
C GLY A 221 3.72 -9.19 5.54
N ASP A 222 4.97 -8.76 5.40
CA ASP A 222 5.47 -7.55 6.05
C ASP A 222 5.15 -7.60 7.54
N ILE A 223 5.16 -8.82 8.08
CA ILE A 223 4.70 -9.02 9.44
C ILE A 223 5.77 -9.68 10.32
N ASN A 224 7.03 -9.56 9.91
CA ASN A 224 8.14 -9.84 10.81
C ASN A 224 8.19 -8.84 11.96
N ILE A 225 8.62 -9.29 13.12
CA ILE A 225 9.02 -8.37 14.18
C ILE A 225 10.55 -8.29 14.16
N PRO A 226 11.12 -7.27 14.81
CA PRO A 226 12.58 -7.13 14.66
C PRO A 226 13.36 -8.37 15.09
N GLU A 227 12.83 -9.14 16.04
CA GLU A 227 13.54 -10.33 16.48
C GLU A 227 13.38 -11.56 15.59
N THR A 228 12.50 -11.49 14.59
CA THR A 228 12.35 -12.58 13.62
C THR A 228 12.83 -12.20 12.21
N SER A 229 13.07 -10.91 11.98
CA SER A 229 13.44 -10.43 10.66
C SER A 229 14.77 -11.01 10.18
N PRO A 230 14.78 -11.57 8.96
CA PRO A 230 16.01 -12.10 8.34
C PRO A 230 16.91 -10.98 7.83
N SER A 231 16.33 -9.80 7.65
CA SER A 231 16.99 -8.73 6.91
C SER A 231 17.26 -7.48 7.75
N GLY A 232 16.42 -7.23 8.75
CA GLY A 232 16.53 -6.00 9.51
C GLY A 232 15.94 -4.82 8.74
N ASN A 233 15.35 -5.11 7.59
CA ASN A 233 14.69 -4.09 6.77
C ASN A 233 13.27 -3.85 7.27
N TYR A 234 12.99 -2.59 7.57
CA TYR A 234 11.72 -2.21 8.19
C TYR A 234 10.49 -2.48 7.31
N HIS A 235 10.62 -2.32 6.00
CA HIS A 235 9.46 -2.53 5.11
C HIS A 235 8.92 -3.96 5.22
N GLY A 236 9.74 -4.88 5.72
CA GLY A 236 9.29 -6.24 5.94
C GLY A 236 8.69 -6.44 7.32
N MET A 237 8.54 -5.36 8.09
CA MET A 237 7.96 -5.44 9.44
C MET A 237 6.78 -4.49 9.64
N THR A 238 6.52 -3.64 8.65
CA THR A 238 5.58 -2.54 8.80
C THR A 238 4.18 -2.96 9.26
N LEU A 239 3.67 -4.07 8.73
CA LEU A 239 2.34 -4.52 9.12
C LEU A 239 2.33 -4.98 10.58
N ALA A 240 3.37 -5.70 10.99
CA ALA A 240 3.48 -6.14 12.39
C ALA A 240 3.51 -4.92 13.32
N HIS A 241 4.25 -3.90 12.91
CA HIS A 241 4.37 -2.68 13.69
C HIS A 241 3.02 -1.98 13.82
N THR A 242 2.33 -1.84 12.71
CA THR A 242 1.01 -1.23 12.64
C THR A 242 -0.02 -2.01 13.48
N LEU A 243 0.17 -3.32 13.57
CA LEU A 243 -0.77 -4.17 14.30
C LEU A 243 -0.46 -4.22 15.80
N GLY A 244 0.57 -3.50 16.24
CA GLY A 244 0.96 -3.50 17.64
C GLY A 244 1.68 -4.76 18.10
N LEU A 245 2.38 -5.43 17.18
CA LEU A 245 2.99 -6.71 17.52
C LEU A 245 4.42 -6.55 18.02
N PHE A 246 4.98 -5.35 17.86
CA PHE A 246 6.32 -5.08 18.37
C PHE A 246 6.34 -5.23 19.90
N LYS A 247 7.44 -5.78 20.42
CA LYS A 247 7.54 -6.08 21.85
C LYS A 247 8.35 -5.04 22.62
N LYS A 248 9.22 -4.31 21.92
CA LYS A 248 10.01 -3.26 22.54
C LYS A 248 9.67 -1.92 21.90
N LYS A 249 10.23 -0.85 22.46
CA LYS A 249 10.06 0.49 21.91
C LYS A 249 10.90 0.64 20.66
N VAL A 250 10.49 1.54 19.77
CA VAL A 250 11.22 1.78 18.55
C VAL A 250 11.84 3.17 18.58
N PRO A 251 13.16 3.24 18.41
CA PRO A 251 13.82 4.55 18.38
C PRO A 251 13.13 5.49 17.40
N TYR A 252 12.90 6.73 17.82
CA TYR A 252 12.35 7.78 16.97
C TYR A 252 10.87 7.58 16.60
N PHE A 253 10.20 6.68 17.33
CA PHE A 253 8.76 6.48 17.17
C PHE A 253 7.97 6.84 18.44
N GLU A 254 8.63 7.52 19.38
CA GLU A 254 8.00 7.92 20.64
C GLU A 254 6.69 8.68 20.40
N TRP A 255 6.68 9.51 19.36
CA TRP A 255 5.48 10.27 19.00
C TRP A 255 4.27 9.39 18.72
N SER A 256 4.50 8.10 18.52
CA SER A 256 3.45 7.17 18.08
C SER A 256 2.94 6.27 19.19
N GLU A 257 3.57 6.33 20.36
CA GLU A 257 3.32 5.34 21.40
C GLU A 257 1.93 5.38 22.03
N ASN A 258 1.23 6.50 21.92
CA ASN A 258 -0.11 6.57 22.49
C ASN A 258 -1.22 6.51 21.45
N LEU A 259 -0.88 6.10 20.23
CA LEU A 259 -1.88 5.95 19.19
C LEU A 259 -2.64 4.63 19.37
N THR A 260 -3.84 4.55 18.82
CA THR A 260 -4.53 3.29 18.71
C THR A 260 -3.99 2.50 17.52
N TYR A 261 -3.68 1.22 17.74
CA TYR A 261 -3.10 0.37 16.71
C TYR A 261 -4.18 -0.42 15.99
N LEU A 262 -3.83 -0.88 14.79
CA LEU A 262 -4.74 -1.67 13.98
C LEU A 262 -4.89 -3.05 14.60
N LYS A 263 -6.08 -3.62 14.51
CA LYS A 263 -6.34 -4.97 14.98
C LYS A 263 -6.33 -5.96 13.82
N PRO A 264 -5.72 -7.14 14.05
CA PRO A 264 -5.60 -8.24 13.07
C PRO A 264 -6.94 -8.67 12.47
N GLU A 265 -7.96 -8.77 13.30
CA GLU A 265 -9.26 -9.23 12.84
C GLU A 265 -9.92 -8.18 11.94
N ASN A 266 -9.41 -6.95 11.97
CA ASN A 266 -9.93 -5.90 11.09
C ASN A 266 -9.13 -5.73 9.82
N THR A 267 -8.26 -6.70 9.55
CA THR A 267 -7.33 -6.64 8.43
C THR A 267 -7.43 -7.90 7.57
N ALA A 268 -7.24 -7.74 6.27
CA ALA A 268 -7.10 -8.86 5.36
C ALA A 268 -5.86 -8.65 4.49
N ILE A 269 -4.97 -9.65 4.45
CA ILE A 269 -3.80 -9.61 3.57
C ILE A 269 -4.13 -10.47 2.36
N ILE A 270 -3.92 -9.95 1.17
CA ILE A 270 -4.31 -10.69 -0.03
C ILE A 270 -3.16 -10.78 -1.02
N GLY A 271 -2.89 -11.98 -1.53
CA GLY A 271 -1.95 -12.19 -2.63
C GLY A 271 -0.64 -12.80 -2.21
N ILE A 272 -0.54 -13.17 -0.92
CA ILE A 272 0.75 -13.55 -0.36
C ILE A 272 1.24 -14.89 -0.89
N ARG A 273 2.56 -15.02 -1.01
CA ARG A 273 3.17 -16.24 -1.51
C ARG A 273 4.63 -16.41 -1.07
N ASP A 274 5.21 -15.36 -0.49
CA ASP A 274 6.62 -15.41 -0.07
C ASP A 274 6.76 -14.96 1.40
N ILE A 275 6.59 -15.92 2.30
CA ILE A 275 6.55 -15.68 3.74
C ILE A 275 7.72 -16.38 4.44
N ASP A 276 8.41 -15.67 5.32
CA ASP A 276 9.56 -16.25 6.03
C ASP A 276 9.11 -17.26 7.09
N ALA A 277 9.99 -18.18 7.46
CA ALA A 277 9.67 -19.25 8.39
C ALA A 277 9.01 -18.77 9.70
N TYR A 278 9.65 -17.83 10.41
CA TYR A 278 9.06 -17.33 11.65
C TYR A 278 7.78 -16.56 11.36
N GLU A 279 7.82 -15.80 10.26
CA GLU A 279 6.69 -14.99 9.83
C GLU A 279 5.41 -15.83 9.72
N LYS A 280 5.56 -17.07 9.25
CA LYS A 280 4.40 -17.97 9.11
C LYS A 280 3.72 -18.23 10.46
N ILE A 281 4.52 -18.23 11.52
CA ILE A 281 4.02 -18.49 12.86
C ILE A 281 3.30 -17.25 13.39
N ILE A 282 3.91 -16.08 13.18
CA ILE A 282 3.27 -14.83 13.56
C ILE A 282 1.93 -14.68 12.85
N LEU A 283 1.89 -15.06 11.57
CA LEU A 283 0.68 -14.94 10.78
C LEU A 283 -0.45 -15.72 11.39
N LYS A 284 -0.17 -16.97 11.77
CA LYS A 284 -1.23 -17.80 12.34
C LYS A 284 -1.56 -17.32 13.76
N LYS A 285 -0.55 -16.94 14.52
CA LYS A 285 -0.73 -16.59 15.93
C LYS A 285 -1.62 -15.35 16.14
N CYS A 286 -1.38 -14.29 15.36
CA CYS A 286 -2.09 -13.03 15.56
C CYS A 286 -3.52 -13.05 15.03
N ASN A 287 -3.90 -14.15 14.38
CA ASN A 287 -5.25 -14.32 13.86
C ASN A 287 -5.67 -13.34 12.74
N ILE A 288 -4.70 -12.82 12.01
CA ILE A 288 -5.04 -11.95 10.88
C ILE A 288 -5.71 -12.77 9.78
N ASN A 289 -6.60 -12.16 9.02
CA ASN A 289 -7.20 -12.82 7.88
C ASN A 289 -6.27 -12.74 6.67
N TYR A 290 -5.93 -13.88 6.10
CA TYR A 290 -5.00 -13.88 4.97
C TYR A 290 -5.49 -14.80 3.87
N TYR A 291 -5.18 -14.41 2.63
CA TYR A 291 -5.65 -15.09 1.45
C TYR A 291 -4.46 -15.18 0.53
N THR A 292 -3.92 -16.40 0.42
CA THR A 292 -2.68 -16.60 -0.33
C THR A 292 -3.00 -16.70 -1.81
N ILE A 293 -1.96 -16.74 -2.64
CA ILE A 293 -2.14 -16.92 -4.07
C ILE A 293 -2.79 -18.28 -4.37
N PHE A 294 -2.62 -19.27 -3.50
CA PHE A 294 -3.31 -20.55 -3.68
C PHE A 294 -4.82 -20.44 -3.42
N ASP A 295 -5.21 -19.63 -2.43
CA ASP A 295 -6.64 -19.37 -2.21
C ASP A 295 -7.20 -18.68 -3.44
N ILE A 296 -6.42 -17.75 -3.99
CA ILE A 296 -6.83 -17.03 -5.19
C ILE A 296 -6.93 -18.00 -6.37
N GLU A 297 -5.96 -18.90 -6.50
CA GLU A 297 -6.04 -19.92 -7.55
C GLU A 297 -7.24 -20.86 -7.39
N LYS A 298 -7.56 -21.25 -6.15
CA LYS A 298 -8.70 -22.12 -5.90
C LYS A 298 -10.03 -21.45 -6.22
N ASN A 299 -10.21 -20.22 -5.72
CA ASN A 299 -11.53 -19.60 -5.72
C ASN A 299 -11.72 -18.44 -6.69
N GLY A 300 -10.61 -17.94 -7.22
CA GLY A 300 -10.66 -16.81 -8.14
C GLY A 300 -10.56 -15.54 -7.33
N ILE A 301 -10.02 -14.48 -7.94
CA ILE A 301 -9.81 -13.23 -7.22
C ILE A 301 -11.15 -12.61 -6.72
N TYR A 302 -12.20 -12.76 -7.51
CA TYR A 302 -13.48 -12.17 -7.15
C TYR A 302 -14.06 -12.77 -5.88
N ASN A 303 -14.18 -14.11 -5.84
CA ASN A 303 -14.65 -14.78 -4.63
C ASN A 303 -13.76 -14.46 -3.42
N THR A 304 -12.45 -14.33 -3.67
CA THR A 304 -11.52 -14.07 -2.58
C THR A 304 -11.77 -12.70 -1.93
N ILE A 305 -11.90 -11.66 -2.74
CA ILE A 305 -12.09 -10.33 -2.15
C ILE A 305 -13.46 -10.22 -1.48
N CYS A 306 -14.47 -10.84 -2.09
CA CYS A 306 -15.79 -10.86 -1.48
C CYS A 306 -15.75 -11.56 -0.13
N THR A 307 -15.02 -12.67 -0.07
CA THR A 307 -14.89 -13.40 1.17
C THR A 307 -14.18 -12.57 2.23
N ALA A 308 -13.10 -11.90 1.82
CA ALA A 308 -12.33 -11.05 2.72
C ALA A 308 -13.19 -9.91 3.27
N LEU A 309 -13.92 -9.23 2.39
CA LEU A 309 -14.77 -8.12 2.78
C LEU A 309 -15.90 -8.57 3.72
N GLU A 310 -16.48 -9.72 3.43
CA GLU A 310 -17.52 -10.27 4.29
CA GLU A 310 -17.52 -10.28 4.27
C GLU A 310 -16.95 -10.61 5.65
N LYS A 311 -15.72 -11.11 5.66
CA LYS A 311 -15.04 -11.49 6.90
C LYS A 311 -14.78 -10.29 7.80
N ILE A 312 -14.21 -9.23 7.24
CA ILE A 312 -13.80 -8.10 8.07
C ILE A 312 -14.86 -6.99 8.18
N ASP A 313 -15.82 -6.98 7.26
CA ASP A 313 -16.88 -5.98 7.28
C ASP A 313 -18.19 -6.66 6.94
N PRO A 314 -18.70 -7.51 7.85
CA PRO A 314 -19.90 -8.30 7.58
C PRO A 314 -21.10 -7.41 7.28
N ASN A 315 -21.11 -6.20 7.83
CA ASN A 315 -22.27 -5.34 7.61
C ASN A 315 -22.07 -4.30 6.52
N SER A 316 -20.94 -4.42 5.82
CA SER A 316 -20.66 -3.53 4.70
C SER A 316 -20.82 -2.07 5.09
N ASN A 317 -20.35 -1.71 6.29
CA ASN A 317 -20.54 -0.33 6.73
C ASN A 317 -19.25 0.36 7.21
N CYS A 318 -18.09 -0.23 6.94
CA CYS A 318 -16.84 0.34 7.43
C CYS A 318 -16.05 1.07 6.34
N PRO A 319 -15.34 2.15 6.73
CA PRO A 319 -14.39 2.78 5.82
C PRO A 319 -13.25 1.80 5.53
N ILE A 320 -12.69 1.89 4.33
CA ILE A 320 -11.63 0.96 3.89
C ILE A 320 -10.35 1.69 3.53
N HIS A 321 -9.23 1.16 4.02
CA HIS A 321 -7.91 1.63 3.60
C HIS A 321 -7.28 0.53 2.77
N ILE A 322 -6.84 0.87 1.56
CA ILE A 322 -6.12 -0.07 0.71
C ILE A 322 -4.63 0.20 0.76
N SER A 323 -3.85 -0.78 1.21
CA SER A 323 -2.39 -0.65 1.14
C SER A 323 -1.85 -1.56 0.05
N LEU A 324 -1.63 -1.00 -1.14
CA LEU A 324 -1.22 -1.78 -2.30
C LEU A 324 0.30 -1.74 -2.52
N ASP A 325 0.93 -2.87 -2.27
CA ASP A 325 2.30 -3.13 -2.68
C ASP A 325 2.26 -3.71 -4.10
N ILE A 326 2.89 -3.02 -5.05
CA ILE A 326 2.80 -3.40 -6.47
C ILE A 326 3.46 -4.76 -6.73
N ASP A 327 4.34 -5.22 -5.84
CA ASP A 327 4.94 -6.55 -6.03
C ASP A 327 3.95 -7.69 -5.79
N SER A 328 2.72 -7.36 -5.42
CA SER A 328 1.65 -8.36 -5.35
C SER A 328 1.38 -8.85 -6.79
N VAL A 329 1.64 -7.95 -7.74
CA VAL A 329 1.37 -8.25 -9.14
C VAL A 329 2.53 -9.03 -9.75
N ASP A 330 2.21 -9.97 -10.61
CA ASP A 330 3.26 -10.75 -11.24
C ASP A 330 4.29 -9.90 -12.01
N ASN A 331 5.53 -10.35 -11.91
CA ASN A 331 6.72 -9.84 -12.60
C ASN A 331 6.50 -9.47 -14.07
N VAL A 332 5.68 -10.26 -14.75
CA VAL A 332 5.36 -10.06 -16.16
C VAL A 332 4.72 -8.71 -16.41
N PHE A 333 3.95 -8.24 -15.42
CA PHE A 333 3.20 -6.99 -15.58
C PHE A 333 3.79 -5.88 -14.76
N ALA A 334 4.51 -6.25 -13.70
CA ALA A 334 5.07 -5.26 -12.79
C ALA A 334 6.53 -5.53 -12.49
N PRO A 335 7.41 -5.38 -13.50
CA PRO A 335 8.83 -5.62 -13.22
C PRO A 335 9.48 -4.55 -12.33
N GLY A 336 8.88 -3.37 -12.24
CA GLY A 336 9.54 -2.25 -11.59
C GLY A 336 9.30 -2.20 -10.09
N THR A 337 9.89 -3.16 -9.38
CA THR A 337 9.71 -3.27 -7.95
C THR A 337 10.89 -4.09 -7.42
N GLY A 338 11.28 -3.89 -6.17
CA GLY A 338 12.55 -4.39 -5.67
C GLY A 338 12.57 -5.84 -5.20
N THR A 339 11.43 -6.36 -4.79
CA THR A 339 11.38 -7.69 -4.22
C THR A 339 10.32 -8.52 -4.92
N VAL A 340 10.75 -9.27 -5.93
CA VAL A 340 9.86 -10.05 -6.77
C VAL A 340 9.62 -11.47 -6.24
N ALA A 341 8.38 -11.95 -6.42
CA ALA A 341 8.03 -13.32 -6.08
C ALA A 341 7.19 -13.92 -7.21
N LYS A 342 7.60 -15.10 -7.67
CA LYS A 342 6.91 -15.81 -8.75
C LYS A 342 5.44 -16.03 -8.44
N GLY A 343 4.64 -16.17 -9.50
CA GLY A 343 3.24 -16.51 -9.36
C GLY A 343 2.35 -15.44 -8.78
N GLY A 344 2.47 -14.20 -9.26
CA GLY A 344 1.69 -13.11 -8.69
C GLY A 344 0.33 -12.91 -9.33
N LEU A 345 -0.41 -11.91 -8.85
CA LEU A 345 -1.65 -11.51 -9.49
C LEU A 345 -1.36 -11.12 -10.94
N ASN A 346 -2.24 -11.51 -11.85
CA ASN A 346 -2.07 -11.06 -13.23
C ASN A 346 -2.77 -9.72 -13.49
N TYR A 347 -2.65 -9.24 -14.71
CA TYR A 347 -3.15 -7.92 -15.08
C TYR A 347 -4.65 -7.80 -14.89
N ARG A 348 -5.37 -8.82 -15.34
CA ARG A 348 -6.82 -8.87 -15.16
C ARG A 348 -7.21 -8.96 -13.70
N GLU A 349 -6.48 -9.74 -12.92
CA GLU A 349 -6.83 -9.89 -11.51
C GLU A 349 -6.66 -8.60 -10.70
N ILE A 350 -5.52 -7.95 -10.83
CA ILE A 350 -5.27 -6.76 -10.00
C ILE A 350 -6.23 -5.63 -10.40
N ASN A 351 -6.51 -5.51 -11.70
CA ASN A 351 -7.51 -4.53 -12.14
C ASN A 351 -8.90 -4.82 -11.59
N LEU A 352 -9.32 -6.09 -11.64
CA LEU A 352 -10.62 -6.46 -11.09
C LEU A 352 -10.69 -6.21 -9.58
N LEU A 353 -9.61 -6.55 -8.89
CA LEU A 353 -9.55 -6.36 -7.43
C LEU A 353 -9.78 -4.89 -7.05
N MET A 354 -9.12 -3.98 -7.76
CA MET A 354 -9.21 -2.56 -7.47
C MET A 354 -10.61 -2.04 -7.82
N LYS A 355 -11.17 -2.55 -8.90
CA LYS A 355 -12.53 -2.21 -9.30
C LYS A 355 -13.55 -2.61 -8.25
N ILE A 356 -13.45 -3.85 -7.77
CA ILE A 356 -14.35 -4.32 -6.73
C ILE A 356 -14.24 -3.47 -5.48
N LEU A 357 -13.02 -3.11 -5.08
CA LEU A 357 -12.84 -2.25 -3.90
C LEU A 357 -13.43 -0.86 -4.12
N ALA A 358 -13.24 -0.31 -5.31
CA ALA A 358 -13.82 0.98 -5.65
C ALA A 358 -15.34 0.94 -5.49
N GLU A 359 -15.94 -0.19 -5.87
CA GLU A 359 -17.40 -0.30 -5.91
C GLU A 359 -18.05 -0.44 -4.54
N THR A 360 -17.26 -0.66 -3.49
CA THR A 360 -17.82 -0.61 -2.14
C THR A 360 -18.27 0.82 -1.85
N LYS A 361 -17.62 1.79 -2.49
CA LYS A 361 -17.85 3.21 -2.22
C LYS A 361 -17.40 3.59 -0.81
N ARG A 362 -16.59 2.74 -0.17
CA ARG A 362 -16.18 3.02 1.21
C ARG A 362 -14.67 3.26 1.38
N VAL A 363 -13.94 3.31 0.28
CA VAL A 363 -12.50 3.53 0.37
C VAL A 363 -12.19 4.98 0.73
N VAL A 364 -11.51 5.19 1.85
CA VAL A 364 -11.20 6.54 2.33
C VAL A 364 -9.73 6.92 2.14
N SER A 365 -8.86 5.92 2.10
CA SER A 365 -7.43 6.19 1.92
C SER A 365 -6.70 5.00 1.28
N MET A 366 -5.53 5.26 0.72
CA MET A 366 -4.81 4.23 -0.01
C MET A 366 -3.31 4.52 -0.06
N ASP A 367 -2.50 3.47 0.12
CA ASP A 367 -1.08 3.51 -0.19
C ASP A 367 -0.86 2.81 -1.52
N LEU A 368 0.01 3.37 -2.35
CA LEU A 368 0.57 2.63 -3.47
C LEU A 368 2.09 2.67 -3.31
N VAL A 369 2.69 1.54 -2.96
CA VAL A 369 4.08 1.50 -2.53
C VAL A 369 4.95 0.52 -3.33
N GLU A 370 6.26 0.70 -3.24
CA GLU A 370 7.27 -0.22 -3.82
C GLU A 370 7.42 -0.19 -5.34
N TYR A 371 6.80 0.79 -6.00
CA TYR A 371 7.10 1.04 -7.40
C TYR A 371 8.51 1.65 -7.50
N ASN A 372 9.39 1.02 -8.28
CA ASN A 372 10.75 1.51 -8.47
C ASN A 372 10.97 1.78 -9.95
N PRO A 373 10.85 3.04 -10.35
CA PRO A 373 10.96 3.37 -11.78
C PRO A 373 12.27 2.88 -12.39
N SER A 374 13.35 2.86 -11.59
CA SER A 374 14.64 2.48 -12.12
C SER A 374 14.68 1.01 -12.54
N LEU A 375 13.76 0.21 -11.99
CA LEU A 375 13.70 -1.21 -12.28
C LEU A 375 12.70 -1.53 -13.37
N ASP A 376 12.00 -0.51 -13.87
CA ASP A 376 10.85 -0.72 -14.75
C ASP A 376 11.26 -0.91 -16.23
N GLU A 377 10.33 -1.42 -17.05
CA GLU A 377 10.56 -1.68 -18.48
C GLU A 377 9.41 -1.17 -19.33
N VAL A 378 9.58 -1.21 -20.65
CA VAL A 378 8.54 -0.74 -21.60
C VAL A 378 7.90 -1.90 -22.38
N ASP A 379 6.64 -1.76 -22.84
CA ASP A 379 6.04 -2.75 -23.77
C ASP A 379 6.50 -2.48 -25.23
N LYS A 380 6.21 -1.29 -25.75
CA LYS A 380 5.30 -0.36 -25.07
C LYS A 380 4.01 0.05 -25.83
N LYS A 381 3.72 1.35 -25.91
CA LYS A 381 2.37 1.86 -26.23
C LYS A 381 1.50 1.04 -27.21
N VAL A 382 0.36 0.61 -26.69
CA VAL A 382 -0.64 -0.08 -27.48
C VAL A 382 -1.90 0.76 -27.45
N HIS A 383 -2.85 0.45 -28.34
CA HIS A 383 -4.06 1.25 -28.46
C HIS A 383 -4.82 1.36 -27.13
N GLY A 384 -4.87 0.26 -26.38
CA GLY A 384 -5.59 0.21 -25.11
C GLY A 384 -5.09 1.12 -23.99
N ASP A 385 -3.91 1.72 -24.18
CA ASP A 385 -3.41 2.68 -23.21
C ASP A 385 -4.10 4.03 -23.47
N SER A 386 -5.36 4.14 -23.05
CA SER A 386 -6.19 5.28 -23.45
C SER A 386 -6.41 6.34 -22.37
N LEU A 387 -6.13 6.00 -21.11
CA LEU A 387 -6.08 7.01 -20.07
C LEU A 387 -5.02 8.02 -20.51
N PRO A 388 -5.13 9.27 -20.01
CA PRO A 388 -4.15 10.33 -20.33
C PRO A 388 -2.79 10.03 -19.73
N ILE A 389 -2.24 8.88 -20.05
CA ILE A 389 -0.91 8.52 -19.60
C ILE A 389 0.09 8.68 -20.74
N LEU A 390 1.24 9.24 -20.41
CA LEU A 390 2.33 9.43 -21.36
C LEU A 390 2.50 8.22 -22.28
N ASP A 391 2.61 8.47 -23.58
CA ASP A 391 2.84 7.41 -24.56
C ASP A 391 4.14 6.68 -24.26
N ASN A 392 4.12 5.36 -24.35
CA ASN A 392 5.33 4.56 -24.14
C ASN A 392 5.86 4.61 -22.73
N ALA A 393 5.02 4.98 -21.77
CA ALA A 393 5.43 4.96 -20.38
C ALA A 393 5.88 3.55 -19.99
N THR A 394 6.78 3.44 -19.03
CA THR A 394 7.18 2.12 -18.54
C THR A 394 5.96 1.42 -17.94
N LYS A 395 5.94 0.09 -18.01
CA LYS A 395 4.68 -0.63 -17.83
C LYS A 395 4.14 -0.68 -16.41
N THR A 396 5.04 -0.67 -15.42
CA THR A 396 4.64 -0.68 -14.02
C THR A 396 4.08 0.67 -13.62
N GLY A 397 4.73 1.74 -14.05
CA GLY A 397 4.24 3.08 -13.79
C GLY A 397 2.87 3.24 -14.40
N LYS A 398 2.72 2.81 -15.64
CA LYS A 398 1.43 2.89 -16.28
C LYS A 398 0.37 2.06 -15.54
N LEU A 399 0.76 0.89 -15.06
CA LEU A 399 -0.17 0.04 -14.32
C LEU A 399 -0.57 0.75 -13.02
N CYS A 400 0.39 1.32 -12.30
CA CYS A 400 0.07 2.08 -11.11
C CYS A 400 -1.02 3.11 -11.38
N LEU A 401 -0.86 3.88 -12.45
CA LEU A 401 -1.84 4.91 -12.77
C LEU A 401 -3.19 4.31 -13.12
N GLU A 402 -3.17 3.20 -13.84
CA GLU A 402 -4.42 2.55 -14.20
C GLU A 402 -5.12 2.00 -12.95
N LEU A 403 -4.36 1.53 -11.98
CA LEU A 403 -4.94 0.97 -10.76
C LEU A 403 -5.51 2.09 -9.87
N ILE A 404 -4.83 3.24 -9.86
CA ILE A 404 -5.36 4.42 -9.21
C ILE A 404 -6.66 4.85 -9.90
N ALA A 405 -6.68 4.78 -11.23
CA ALA A 405 -7.91 5.09 -11.96
C ALA A 405 -9.06 4.16 -11.56
N ARG A 406 -8.78 2.86 -11.45
CA ARG A 406 -9.81 1.92 -11.00
C ARG A 406 -10.42 2.36 -9.67
N VAL A 407 -9.57 2.73 -8.72
CA VAL A 407 -10.07 3.09 -7.40
C VAL A 407 -10.94 4.34 -7.48
N LEU A 408 -10.65 5.20 -8.45
CA LEU A 408 -11.44 6.40 -8.67
C LEU A 408 -12.61 6.16 -9.64
N GLY A 409 -12.93 4.89 -9.88
CA GLY A 409 -14.12 4.56 -10.66
C GLY A 409 -13.96 4.25 -12.14
N TYR A 410 -12.73 4.22 -12.64
CA TYR A 410 -12.49 3.87 -14.05
C TYR A 410 -12.94 2.44 -14.36
N ASP A 411 -13.81 2.30 -15.35
CA ASP A 411 -14.39 0.99 -15.67
C ASP A 411 -14.46 0.76 -17.17
N ILE A 412 -14.60 -0.49 -17.58
CA ILE A 412 -14.52 -0.85 -19.00
C ILE A 412 -15.68 -0.26 -19.79
N VAL A 413 -16.89 -0.40 -19.27
CA VAL A 413 -18.04 0.29 -19.84
C VAL A 413 -18.85 0.93 -18.71
MN MN B . 5.00 -4.73 1.23
MN MN C . 5.95 -6.94 -1.03
N ABH D . 10.07 -11.06 4.47
CA ABH D . 11.19 -10.33 3.88
C ABH D . 11.91 -9.49 4.93
O ABH D . 12.95 -8.94 4.70
OT ABH D . 11.31 -9.35 6.19
CB ABH D . 10.80 -9.53 2.63
CG ABH D . 10.05 -8.21 2.84
CD ABH D . 9.44 -7.49 1.64
CE ABH D . 8.80 -6.13 1.93
B ABH D . 7.68 -5.54 0.93
O2 ABH D . 7.28 -4.16 1.26
O1 ABH D . 6.50 -6.39 1.00
O3 ABH D . 8.20 -5.63 -0.44
C1 BME E . -2.61 -10.32 -19.69
C2 BME E . -3.88 -10.39 -18.92
O1 BME E . -2.32 -9.15 -20.37
S2 BME E . -3.83 -10.86 -17.22
#